data_2GG2
#
_entry.id   2GG2
#
_cell.length_a   39.372
_cell.length_b   63.204
_cell.length_c   52.508
_cell.angle_alpha   90.00
_cell.angle_beta   109.55
_cell.angle_gamma   90.00
#
_symmetry.space_group_name_H-M   'P 1 21 1'
#
loop_
_entity.id
_entity.type
_entity.pdbx_description
1 polymer 'Methionine aminopeptidase'
2 non-polymer 'COBALT (II) ION'
3 non-polymer 'SODIUM ION'
4 non-polymer 5-IMINO-4-(3-TRIFLUOROMETHYL-PHENYLAZO)-5H-PYRAZOL-3-YLAMINE
5 water water
#
_entity_poly.entity_id   1
_entity_poly.type   'polypeptide(L)'
_entity_poly.pdbx_seq_one_letter_code
;AISIKTPEDIEKMRVAGRLAAEVLEMIEPYVKPGVSTGELDRICNDYIVNEQHAVSACLGYHGYPKSVCISINEVVCHGI
PDDAKLLKDGDIVNIDVTVIKDGFHGDTSKMFIVGKPTIMGERLCRITQESLYLALRMVKPGINLREIGAAIQKFVEAEG
FSVVREYCGHGIGRGFHEEPQVLHYDSRETNVVLKPGMTFTIEPMVNAGKKEIRTMKDGWTVKTKDRSLSAQYEHTIVVT
DNGCEILTLRKDDTIPAIISHDE
;
_entity_poly.pdbx_strand_id   A
#
# COMPACT_ATOMS: atom_id res chain seq x y z
N ALA A 1 2.49 20.77 -11.52
CA ALA A 1 2.16 20.20 -12.86
C ALA A 1 2.55 18.73 -12.90
N ILE A 2 1.55 17.83 -12.89
CA ILE A 2 1.80 16.41 -12.68
C ILE A 2 2.55 15.77 -13.85
N SER A 3 3.56 14.98 -13.50
CA SER A 3 4.38 14.22 -14.44
C SER A 3 3.57 13.24 -15.29
N ILE A 4 3.80 13.26 -16.60
CA ILE A 4 3.27 12.27 -17.53
C ILE A 4 4.42 11.36 -18.01
N LYS A 5 4.35 10.08 -17.69
CA LYS A 5 5.41 9.15 -18.05
C LYS A 5 5.33 8.79 -19.54
N THR A 6 6.50 8.70 -20.15
CA THR A 6 6.59 8.20 -21.52
C THR A 6 6.37 6.69 -21.58
N PRO A 7 6.11 6.15 -22.78
CA PRO A 7 6.04 4.70 -22.90
C PRO A 7 7.26 3.97 -22.33
N GLU A 8 8.45 4.51 -22.57
CA GLU A 8 9.68 3.91 -22.09
C GLU A 8 9.74 3.93 -20.56
N ASP A 9 9.34 5.06 -19.97
CA ASP A 9 9.25 5.19 -18.51
C ASP A 9 8.24 4.17 -17.94
N ILE A 10 7.09 4.02 -18.60
CA ILE A 10 6.06 3.10 -18.13
C ILE A 10 6.58 1.68 -18.15
N GLU A 11 7.33 1.31 -19.19
CA GLU A 11 7.88 -0.04 -19.22
C GLU A 11 8.86 -0.24 -18.05
N LYS A 12 9.66 0.76 -17.74
CA LYS A 12 10.52 0.66 -16.56
C LYS A 12 9.72 0.52 -15.28
N MET A 13 8.58 1.19 -15.21
CA MET A 13 7.73 1.03 -14.04
CA MET A 13 7.66 1.07 -14.08
C MET A 13 7.04 -0.33 -14.00
N ARG A 14 6.75 -0.94 -15.14
CA ARG A 14 6.28 -2.33 -15.14
C ARG A 14 7.34 -3.25 -14.52
N VAL A 15 8.60 -3.05 -14.91
CA VAL A 15 9.67 -3.87 -14.37
C VAL A 15 9.80 -3.70 -12.86
N ALA A 16 9.83 -2.46 -12.40
CA ALA A 16 10.01 -2.18 -10.97
C ALA A 16 8.79 -2.63 -10.17
N GLY A 17 7.60 -2.43 -10.72
CA GLY A 17 6.37 -2.86 -10.04
C GLY A 17 6.30 -4.37 -9.89
N ARG A 18 6.70 -5.08 -10.94
CA ARG A 18 6.75 -6.54 -10.89
C ARG A 18 7.72 -6.99 -9.78
N LEU A 19 8.90 -6.36 -9.71
CA LEU A 19 9.83 -6.73 -8.64
C LEU A 19 9.19 -6.54 -7.27
N ALA A 20 8.54 -5.40 -7.04
CA ALA A 20 7.96 -5.17 -5.72
C ALA A 20 6.92 -6.24 -5.38
N ALA A 21 6.06 -6.57 -6.35
CA ALA A 21 5.05 -7.61 -6.16
C ALA A 21 5.73 -8.95 -5.86
N GLU A 22 6.83 -9.22 -6.58
CA GLU A 22 7.52 -10.50 -6.40
C GLU A 22 8.18 -10.64 -5.03
N VAL A 23 8.56 -9.53 -4.41
CA VAL A 23 9.03 -9.61 -3.02
C VAL A 23 7.91 -10.16 -2.13
N LEU A 24 6.69 -9.63 -2.31
CA LEU A 24 5.56 -10.08 -1.51
C LEU A 24 5.23 -11.55 -1.78
N GLU A 25 5.34 -11.99 -3.04
CA GLU A 25 5.08 -13.39 -3.32
CA GLU A 25 5.10 -13.39 -3.36
C GLU A 25 6.17 -14.30 -2.75
N MET A 26 7.41 -13.81 -2.76
CA MET A 26 8.55 -14.57 -2.24
C MET A 26 8.42 -14.72 -0.72
N ILE A 27 8.00 -13.67 -0.02
CA ILE A 27 8.09 -13.68 1.43
C ILE A 27 6.99 -14.53 2.07
N GLU A 28 5.90 -14.76 1.34
CA GLU A 28 4.73 -15.42 1.90
C GLU A 28 5.03 -16.70 2.70
N PRO A 29 5.78 -17.67 2.15
CA PRO A 29 6.03 -18.91 2.93
C PRO A 29 6.81 -18.73 4.24
N TYR A 30 7.42 -17.56 4.41
CA TYR A 30 8.15 -17.27 5.62
C TYR A 30 7.27 -16.58 6.69
N VAL A 31 6.09 -16.10 6.31
CA VAL A 31 5.23 -15.36 7.22
C VAL A 31 4.38 -16.38 7.97
N LYS A 32 4.89 -16.79 9.13
CA LYS A 32 4.33 -17.93 9.87
C LYS A 32 4.51 -17.65 11.36
N PRO A 33 3.71 -18.30 12.23
CA PRO A 33 3.92 -18.08 13.66
C PRO A 33 5.36 -18.38 14.04
N GLY A 34 5.93 -17.50 14.85
CA GLY A 34 7.25 -17.69 15.42
C GLY A 34 8.37 -16.95 14.70
N VAL A 35 8.15 -16.56 13.45
CA VAL A 35 9.19 -15.82 12.73
C VAL A 35 9.29 -14.41 13.30
N SER A 36 10.48 -13.83 13.31
CA SER A 36 10.60 -12.45 13.70
C SER A 36 10.44 -11.51 12.50
N THR A 37 9.98 -10.29 12.78
CA THR A 37 9.90 -9.31 11.69
C THR A 37 11.29 -8.90 11.22
N GLY A 38 12.27 -8.93 12.12
CA GLY A 38 13.64 -8.68 11.71
C GLY A 38 14.12 -9.68 10.68
N GLU A 39 13.80 -10.96 10.87
CA GLU A 39 14.19 -11.99 9.90
C GLU A 39 13.48 -11.75 8.57
N LEU A 40 12.18 -11.44 8.61
CA LEU A 40 11.48 -11.16 7.36
C LEU A 40 12.13 -10.04 6.58
N ASP A 41 12.53 -8.97 7.26
CA ASP A 41 13.18 -7.85 6.60
C ASP A 41 14.53 -8.26 5.99
N ARG A 42 15.30 -9.10 6.68
CA ARG A 42 16.57 -9.56 6.10
C ARG A 42 16.33 -10.39 4.85
N ILE A 43 15.33 -11.27 4.89
CA ILE A 43 15.01 -12.09 3.74
C ILE A 43 14.63 -11.20 2.55
N CYS A 44 13.79 -10.20 2.82
CA CYS A 44 13.40 -9.26 1.76
C CYS A 44 14.60 -8.47 1.21
N ASN A 45 15.42 -7.92 2.10
CA ASN A 45 16.54 -7.13 1.60
C ASN A 45 17.52 -7.99 0.79
N ASP A 46 17.81 -9.18 1.29
CA ASP A 46 18.73 -10.06 0.57
C ASP A 46 18.18 -10.39 -0.82
N TYR A 47 16.87 -10.60 -0.90
CA TYR A 47 16.24 -10.92 -2.17
C TYR A 47 16.32 -9.74 -3.14
N ILE A 48 15.94 -8.56 -2.66
CA ILE A 48 15.97 -7.34 -3.45
C ILE A 48 17.38 -7.09 -4.02
N VAL A 49 18.38 -7.17 -3.14
CA VAL A 49 19.74 -6.84 -3.53
C VAL A 49 20.38 -7.97 -4.35
N ASN A 50 20.32 -9.20 -3.84
CA ASN A 50 21.13 -10.29 -4.42
C ASN A 50 20.45 -11.00 -5.58
N GLU A 51 19.11 -11.05 -5.59
CA GLU A 51 18.40 -11.76 -6.64
C GLU A 51 17.79 -10.80 -7.65
N GLN A 52 17.14 -9.74 -7.16
CA GLN A 52 16.53 -8.77 -8.07
C GLN A 52 17.51 -7.75 -8.62
N HIS A 53 18.66 -7.60 -8.00
CA HIS A 53 19.63 -6.57 -8.37
C HIS A 53 18.96 -5.20 -8.39
N ALA A 54 18.25 -4.92 -7.30
CA ALA A 54 17.52 -3.67 -7.12
C ALA A 54 17.89 -3.10 -5.75
N VAL A 55 17.29 -1.98 -5.36
CA VAL A 55 17.53 -1.35 -4.05
CA VAL A 55 17.52 -1.43 -4.02
C VAL A 55 16.18 -1.06 -3.38
N SER A 56 16.13 -1.21 -2.06
CA SER A 56 14.98 -0.74 -1.31
C SER A 56 14.93 0.78 -1.25
N ALA A 57 13.78 1.36 -1.55
CA ALA A 57 13.59 2.79 -1.41
C ALA A 57 13.35 3.23 0.03
N CYS A 58 12.98 2.30 0.90
CA CYS A 58 12.72 2.65 2.29
C CYS A 58 14.03 2.78 3.08
N LEU A 59 15.03 1.98 2.71
CA LEU A 59 16.27 1.95 3.49
C LEU A 59 16.99 3.29 3.38
N GLY A 60 17.13 3.97 4.53
CA GLY A 60 17.78 5.27 4.62
C GLY A 60 16.90 6.48 4.39
N TYR A 61 15.65 6.22 3.95
CA TYR A 61 14.70 7.28 3.62
C TYR A 61 14.29 8.03 4.87
N HIS A 62 14.66 9.31 4.88
CA HIS A 62 14.58 10.13 6.06
C HIS A 62 15.25 9.45 7.26
N GLY A 63 16.23 8.61 6.99
CA GLY A 63 16.92 7.88 8.05
C GLY A 63 16.31 6.56 8.47
N TYR A 64 15.26 6.11 7.78
CA TYR A 64 14.59 4.86 8.15
C TYR A 64 15.59 3.70 8.09
N PRO A 65 15.65 2.89 9.16
CA PRO A 65 16.76 1.95 9.29
C PRO A 65 16.63 0.58 8.62
N LYS A 66 15.47 0.25 8.07
CA LYS A 66 15.20 -1.08 7.56
C LYS A 66 14.73 -1.01 6.10
N SER A 67 14.54 -2.17 5.49
CA SER A 67 14.33 -2.23 4.05
C SER A 67 12.86 -2.33 3.63
N VAL A 68 12.02 -2.85 4.51
CA VAL A 68 10.59 -2.90 4.30
C VAL A 68 9.94 -2.40 5.59
N CYS A 69 8.68 -1.97 5.50
CA CYS A 69 7.91 -1.64 6.69
C CYS A 69 7.01 -2.82 7.01
N ILE A 70 6.99 -3.24 8.27
CA ILE A 70 6.19 -4.39 8.69
C ILE A 70 5.36 -3.93 9.89
N SER A 71 4.05 -3.89 9.70
CA SER A 71 3.11 -3.29 10.66
C SER A 71 2.13 -4.34 11.13
N ILE A 72 2.05 -4.59 12.43
CA ILE A 72 1.23 -5.66 12.97
C ILE A 72 0.04 -5.09 13.77
N ASN A 73 -1.16 -5.59 13.53
CA ASN A 73 -2.35 -5.35 14.38
C ASN A 73 -2.68 -3.86 14.50
N GLU A 74 -2.59 -3.29 15.70
CA GLU A 74 -2.90 -1.87 15.90
C GLU A 74 -1.88 -0.91 15.31
N VAL A 75 -0.72 -1.43 14.86
CA VAL A 75 0.21 -0.58 14.13
C VAL A 75 -0.39 -0.29 12.76
N VAL A 76 -0.48 0.99 12.44
CA VAL A 76 -1.11 1.50 11.21
C VAL A 76 -0.14 1.47 10.05
N CYS A 77 1.10 1.92 10.29
CA CYS A 77 2.09 2.03 9.24
C CYS A 77 3.46 2.27 9.85
N HIS A 78 4.46 2.04 9.01
CA HIS A 78 5.85 2.36 9.28
C HIS A 78 6.44 1.52 10.41
N GLY A 79 5.83 0.37 10.69
CA GLY A 79 6.38 -0.52 11.70
C GLY A 79 7.79 -0.96 11.34
N ILE A 80 8.67 -0.98 12.34
CA ILE A 80 10.09 -1.23 12.13
C ILE A 80 10.40 -2.70 12.40
N PRO A 81 10.90 -3.43 11.40
CA PRO A 81 11.35 -4.80 11.64
C PRO A 81 12.29 -4.89 12.84
N ASP A 82 12.12 -5.93 13.63
CA ASP A 82 12.72 -6.10 14.96
C ASP A 82 12.99 -7.59 15.17
N ASP A 83 14.23 -7.95 15.49
CA ASP A 83 14.56 -9.35 15.72
C ASP A 83 13.80 -9.95 16.90
N ALA A 84 13.33 -9.11 17.82
CA ALA A 84 12.60 -9.57 19.00
C ALA A 84 11.10 -9.67 18.81
N LYS A 85 10.56 -9.16 17.71
CA LYS A 85 9.10 -9.10 17.49
C LYS A 85 8.69 -10.33 16.70
N LEU A 86 7.97 -11.24 17.35
CA LEU A 86 7.61 -12.52 16.74
C LEU A 86 6.16 -12.51 16.31
N LEU A 87 5.89 -13.04 15.14
CA LEU A 87 4.51 -13.19 14.69
C LEU A 87 3.83 -14.29 15.47
N LYS A 88 2.53 -14.15 15.65
CA LYS A 88 1.75 -15.13 16.38
C LYS A 88 0.38 -15.30 15.77
N ASP A 89 -0.25 -16.42 16.16
CA ASP A 89 -1.59 -16.79 15.72
CA ASP A 89 -1.56 -16.76 15.66
C ASP A 89 -2.53 -15.60 15.81
N GLY A 90 -3.26 -15.34 14.72
CA GLY A 90 -4.28 -14.31 14.67
C GLY A 90 -3.76 -12.94 14.25
N ASP A 91 -2.46 -12.74 14.20
CA ASP A 91 -1.95 -11.42 13.83
C ASP A 91 -2.34 -11.08 12.38
N ILE A 92 -2.61 -9.79 12.17
CA ILE A 92 -2.69 -9.24 10.81
C ILE A 92 -1.42 -8.42 10.63
N VAL A 93 -0.78 -8.60 9.48
CA VAL A 93 0.55 -8.04 9.24
C VAL A 93 0.57 -7.41 7.86
N ASN A 94 0.93 -6.13 7.78
CA ASN A 94 1.19 -5.48 6.51
C ASN A 94 2.69 -5.53 6.26
N ILE A 95 3.08 -5.93 5.04
CA ILE A 95 4.45 -5.73 4.57
C ILE A 95 4.36 -4.80 3.38
N ASP A 96 5.08 -3.67 3.46
CA ASP A 96 5.10 -2.64 2.43
C ASP A 96 6.51 -2.62 1.84
N VAL A 97 6.55 -2.87 0.53
CA VAL A 97 7.77 -3.02 -0.28
C VAL A 97 7.83 -1.88 -1.29
N THR A 98 8.95 -1.19 -1.31
CA THR A 98 9.21 -0.22 -2.38
C THR A 98 10.62 -0.46 -2.88
N VAL A 99 10.72 -0.76 -4.17
CA VAL A 99 12.04 -0.98 -4.76
CA VAL A 99 11.97 -1.10 -4.87
C VAL A 99 12.28 -0.02 -5.90
N ILE A 100 13.56 0.23 -6.13
CA ILE A 100 14.02 1.05 -7.24
C ILE A 100 14.82 0.15 -8.17
N LYS A 101 14.47 0.19 -9.46
CA LYS A 101 15.16 -0.57 -10.49
C LYS A 101 15.24 0.30 -11.73
N ASP A 102 16.46 0.51 -12.23
CA ASP A 102 16.69 1.28 -13.45
C ASP A 102 16.10 2.69 -13.29
N GLY A 103 16.20 3.20 -12.08
CA GLY A 103 15.79 4.56 -11.78
C GLY A 103 14.34 4.75 -11.40
N PHE A 104 13.51 3.71 -11.50
CA PHE A 104 12.07 3.84 -11.27
C PHE A 104 11.62 3.00 -10.08
N HIS A 105 10.60 3.52 -9.40
CA HIS A 105 10.06 2.90 -8.19
C HIS A 105 8.84 2.04 -8.48
N GLY A 106 8.74 0.94 -7.72
CA GLY A 106 7.52 0.15 -7.61
C GLY A 106 7.15 0.02 -6.15
N ASP A 107 5.88 0.20 -5.82
CA ASP A 107 5.46 0.36 -4.42
C ASP A 107 4.18 -0.42 -4.20
N THR A 108 4.20 -1.36 -3.26
CA THR A 108 3.03 -2.19 -3.02
C THR A 108 3.07 -2.73 -1.60
N SER A 109 1.89 -3.09 -1.10
CA SER A 109 1.80 -3.69 0.23
C SER A 109 0.59 -4.60 0.25
N LYS A 110 0.62 -5.57 1.16
CA LYS A 110 -0.54 -6.40 1.39
C LYS A 110 -0.57 -6.82 2.84
N MET A 111 -1.75 -7.31 3.23
CA MET A 111 -1.94 -7.94 4.53
C MET A 111 -1.74 -9.45 4.42
N PHE A 112 -1.11 -9.98 5.46
CA PHE A 112 -1.00 -11.42 5.72
C PHE A 112 -1.68 -11.68 7.06
N ILE A 113 -2.49 -12.72 7.13
CA ILE A 113 -3.05 -13.16 8.41
C ILE A 113 -2.27 -14.40 8.83
N VAL A 114 -1.76 -14.37 10.06
CA VAL A 114 -0.89 -15.42 10.57
C VAL A 114 -1.72 -16.48 11.28
N GLY A 115 -1.54 -17.74 10.90
CA GLY A 115 -2.27 -18.81 11.59
C GLY A 115 -3.79 -18.70 11.44
N LYS A 116 -4.54 -19.00 12.50
CA LYS A 116 -6.02 -18.96 12.43
C LYS A 116 -6.47 -17.50 12.47
N PRO A 117 -7.15 -17.04 11.41
CA PRO A 117 -7.63 -15.68 11.49
C PRO A 117 -8.61 -15.45 12.64
N THR A 118 -8.56 -14.23 13.17
CA THR A 118 -9.72 -13.72 13.88
C THR A 118 -10.71 -13.19 12.87
N ILE A 119 -11.99 -13.33 13.18
CA ILE A 119 -13.02 -12.94 12.22
C ILE A 119 -12.95 -11.43 11.97
N MET A 120 -12.73 -10.63 13.01
CA MET A 120 -12.67 -9.19 12.81
C MET A 120 -11.43 -8.81 11.99
N GLY A 121 -10.30 -9.46 12.25
CA GLY A 121 -9.11 -9.17 11.46
C GLY A 121 -9.32 -9.51 10.00
N GLU A 122 -9.93 -10.67 9.75
CA GLU A 122 -10.20 -11.07 8.39
CA GLU A 122 -10.24 -11.09 8.39
C GLU A 122 -11.16 -10.09 7.70
N ARG A 123 -12.20 -9.65 8.39
CA ARG A 123 -13.16 -8.72 7.81
C ARG A 123 -12.50 -7.36 7.52
N LEU A 124 -11.73 -6.86 8.47
CA LEU A 124 -11.04 -5.59 8.26
C LEU A 124 -10.13 -5.68 7.02
N CYS A 125 -9.34 -6.75 6.92
CA CYS A 125 -8.45 -6.88 5.76
C CYS A 125 -9.28 -6.96 4.47
N ARG A 126 -10.35 -7.74 4.49
CA ARG A 126 -11.17 -7.90 3.30
C ARG A 126 -11.76 -6.55 2.84
N ILE A 127 -12.35 -5.81 3.76
CA ILE A 127 -12.95 -4.52 3.42
C ILE A 127 -11.87 -3.56 2.91
N THR A 128 -10.69 -3.60 3.53
CA THR A 128 -9.61 -2.72 3.08
C THR A 128 -9.23 -3.04 1.63
N GLN A 129 -9.02 -4.32 1.31
CA GLN A 129 -8.69 -4.68 -0.07
C GLN A 129 -9.83 -4.29 -1.02
N GLU A 130 -11.07 -4.55 -0.60
CA GLU A 130 -12.21 -4.23 -1.44
C GLU A 130 -12.27 -2.72 -1.73
N SER A 131 -11.87 -1.91 -0.75
CA SER A 131 -11.88 -0.46 -0.94
C SER A 131 -10.82 -0.04 -1.96
N LEU A 132 -9.67 -0.71 -1.92
CA LEU A 132 -8.63 -0.48 -2.94
C LEU A 132 -9.16 -0.88 -4.32
N TYR A 133 -9.78 -2.06 -4.39
CA TYR A 133 -10.27 -2.56 -5.68
C TYR A 133 -11.36 -1.66 -6.26
N LEU A 134 -12.29 -1.19 -5.42
CA LEU A 134 -13.33 -0.31 -5.95
CA LEU A 134 -13.33 -0.25 -5.81
C LEU A 134 -12.70 0.98 -6.49
N ALA A 135 -11.66 1.48 -5.84
CA ALA A 135 -10.97 2.67 -6.33
C ALA A 135 -10.29 2.39 -7.67
N LEU A 136 -9.61 1.23 -7.77
CA LEU A 136 -8.93 0.87 -9.02
C LEU A 136 -9.92 0.80 -10.18
N ARG A 137 -11.12 0.27 -9.93
CA ARG A 137 -12.15 0.17 -10.97
CA ARG A 137 -12.11 0.17 -11.00
C ARG A 137 -12.63 1.53 -11.47
N MET A 138 -12.39 2.59 -10.70
CA MET A 138 -12.81 3.95 -11.07
C MET A 138 -11.79 4.69 -11.93
N VAL A 139 -10.53 4.24 -11.93
CA VAL A 139 -9.47 5.01 -12.55
C VAL A 139 -9.58 4.97 -14.08
N LYS A 140 -9.72 6.15 -14.68
CA LYS A 140 -9.70 6.32 -16.13
C LYS A 140 -9.53 7.80 -16.40
N PRO A 141 -9.07 8.16 -17.62
CA PRO A 141 -8.96 9.57 -17.94
C PRO A 141 -10.25 10.32 -17.68
N GLY A 142 -10.13 11.52 -17.13
CA GLY A 142 -11.29 12.38 -16.95
C GLY A 142 -11.94 12.27 -15.59
N ILE A 143 -11.69 11.18 -14.86
CA ILE A 143 -12.21 11.08 -13.50
CA ILE A 143 -12.20 11.04 -13.50
C ILE A 143 -11.36 11.96 -12.60
N ASN A 144 -11.98 12.49 -11.57
CA ASN A 144 -11.27 13.27 -10.58
C ASN A 144 -10.85 12.42 -9.39
N LEU A 145 -9.62 12.61 -8.91
CA LEU A 145 -9.22 11.96 -7.68
C LEU A 145 -10.19 12.22 -6.54
N ARG A 146 -10.87 13.36 -6.52
CA ARG A 146 -11.79 13.60 -5.43
C ARG A 146 -12.88 12.52 -5.36
N GLU A 147 -13.39 12.14 -6.52
CA GLU A 147 -14.47 11.15 -6.59
C GLU A 147 -14.00 9.80 -6.05
N ILE A 148 -12.74 9.46 -6.32
CA ILE A 148 -12.20 8.19 -5.85
C ILE A 148 -12.03 8.20 -4.33
N GLY A 149 -11.47 9.28 -3.79
CA GLY A 149 -11.32 9.38 -2.35
C GLY A 149 -12.66 9.31 -1.62
N ALA A 150 -13.63 10.06 -2.15
CA ALA A 150 -14.96 10.04 -1.55
C ALA A 150 -15.56 8.62 -1.54
N ALA A 151 -15.38 7.90 -2.63
CA ALA A 151 -15.95 6.56 -2.75
C ALA A 151 -15.30 5.56 -1.77
N ILE A 152 -13.98 5.64 -1.61
CA ILE A 152 -13.29 4.77 -0.65
C ILE A 152 -13.88 5.02 0.74
N GLN A 153 -13.97 6.29 1.11
CA GLN A 153 -14.42 6.66 2.45
C GLN A 153 -15.85 6.18 2.70
N LYS A 154 -16.74 6.37 1.74
CA LYS A 154 -18.13 5.95 1.95
CA LYS A 154 -18.12 5.96 1.92
C LYS A 154 -18.22 4.45 2.15
N PHE A 155 -17.45 3.69 1.37
CA PHE A 155 -17.49 2.24 1.44
C PHE A 155 -16.99 1.75 2.80
N VAL A 156 -15.85 2.27 3.23
CA VAL A 156 -15.24 1.87 4.50
C VAL A 156 -16.15 2.24 5.67
N GLU A 157 -16.66 3.46 5.66
CA GLU A 157 -17.45 3.94 6.80
C GLU A 157 -18.75 3.16 6.92
N ALA A 158 -19.31 2.71 5.80
CA ALA A 158 -20.54 1.93 5.85
C ALA A 158 -20.33 0.60 6.60
N GLU A 159 -19.10 0.10 6.67
CA GLU A 159 -18.77 -1.13 7.38
CA GLU A 159 -18.79 -1.14 7.39
C GLU A 159 -18.48 -0.88 8.86
N GLY A 160 -18.58 0.37 9.29
CA GLY A 160 -18.27 0.73 10.66
C GLY A 160 -16.79 0.94 10.90
N PHE A 161 -16.01 1.08 9.83
CA PHE A 161 -14.57 1.29 9.93
C PHE A 161 -14.28 2.75 9.59
N SER A 162 -13.02 3.14 9.67
CA SER A 162 -12.63 4.53 9.44
C SER A 162 -11.39 4.59 8.55
N VAL A 163 -11.20 5.73 7.89
CA VAL A 163 -10.04 5.96 7.02
C VAL A 163 -9.05 6.91 7.69
N VAL A 164 -7.79 6.49 7.74
CA VAL A 164 -6.76 7.35 8.30
C VAL A 164 -6.50 8.56 7.39
N ARG A 165 -6.49 9.75 7.97
CA ARG A 165 -6.38 11.01 7.21
C ARG A 165 -4.96 11.45 6.93
N GLU A 166 -4.01 11.06 7.79
CA GLU A 166 -2.68 11.65 7.78
C GLU A 166 -1.75 11.10 6.70
N TYR A 167 -2.14 10.00 6.07
CA TYR A 167 -1.33 9.33 5.06
CA TYR A 167 -1.33 9.36 5.05
C TYR A 167 -2.16 9.18 3.80
N CYS A 168 -1.49 9.11 2.67
CA CYS A 168 -2.19 9.10 1.39
CA CYS A 168 -2.16 9.15 1.38
C CYS A 168 -1.36 8.36 0.36
N GLY A 169 -2.01 8.02 -0.74
CA GLY A 169 -1.29 7.55 -1.91
C GLY A 169 -0.54 8.71 -2.55
N HIS A 170 0.22 8.42 -3.59
CA HIS A 170 1.16 9.39 -4.13
C HIS A 170 1.52 9.06 -5.55
N GLY A 171 1.79 10.13 -6.31
CA GLY A 171 2.56 9.97 -7.52
C GLY A 171 3.86 9.24 -7.22
N ILE A 172 4.40 8.60 -8.26
CA ILE A 172 5.59 7.77 -8.11
C ILE A 172 6.27 7.68 -9.46
N GLY A 173 7.59 7.59 -9.47
CA GLY A 173 8.31 7.49 -10.72
C GLY A 173 9.78 7.39 -10.43
N ARG A 174 10.56 8.36 -10.91
CA ARG A 174 11.96 8.50 -10.46
C ARG A 174 12.05 8.91 -8.99
N GLY A 175 11.01 9.53 -8.47
CA GLY A 175 10.91 9.84 -7.05
C GLY A 175 9.94 8.88 -6.37
N PHE A 176 10.16 8.64 -5.08
CA PHE A 176 9.31 7.75 -4.28
C PHE A 176 7.92 8.38 -4.15
N HIS A 177 7.88 9.62 -3.65
CA HIS A 177 6.67 10.40 -3.53
C HIS A 177 6.73 11.62 -4.44
N GLU A 178 5.83 11.64 -5.41
CA GLU A 178 5.67 12.73 -6.37
C GLU A 178 4.24 13.22 -6.32
N GLU A 179 3.97 14.37 -6.93
CA GLU A 179 2.60 14.78 -7.12
C GLU A 179 1.86 13.79 -8.00
N PRO A 180 0.55 13.61 -7.77
CA PRO A 180 -0.27 14.24 -6.75
C PRO A 180 -0.33 13.42 -5.46
N GLN A 181 -0.84 14.06 -4.41
CA GLN A 181 -1.36 13.32 -3.26
C GLN A 181 -2.64 12.61 -3.66
N VAL A 182 -2.83 11.41 -3.13
CA VAL A 182 -4.02 10.62 -3.39
C VAL A 182 -4.72 10.35 -2.06
N LEU A 183 -5.57 11.28 -1.66
CA LEU A 183 -6.32 11.12 -0.42
C LEU A 183 -7.36 10.02 -0.57
N HIS A 184 -7.56 9.27 0.50
CA HIS A 184 -8.55 8.17 0.51
C HIS A 184 -9.86 8.58 1.19
N TYR A 185 -10.15 9.88 1.12
CA TYR A 185 -11.35 10.46 1.71
C TYR A 185 -11.68 11.72 0.92
N ASP A 186 -12.90 12.20 1.11
CA ASP A 186 -13.36 13.38 0.40
C ASP A 186 -12.69 14.65 0.91
N SER A 187 -12.24 15.51 0.01
CA SER A 187 -11.76 16.85 0.36
C SER A 187 -12.06 17.84 -0.74
N ARG A 188 -12.55 19.01 -0.34
CA ARG A 188 -12.76 20.12 -1.26
CA ARG A 188 -12.78 20.11 -1.28
C ARG A 188 -11.48 20.62 -1.91
N GLU A 189 -10.35 20.31 -1.31
CA GLU A 189 -9.08 20.72 -1.89
C GLU A 189 -8.66 19.86 -3.06
N THR A 190 -9.25 18.69 -3.21
CA THR A 190 -8.81 17.78 -4.25
C THR A 190 -9.48 18.11 -5.57
N ASN A 191 -8.67 18.43 -6.57
CA ASN A 191 -9.17 18.65 -7.93
C ASN A 191 -8.08 18.24 -8.91
N VAL A 192 -8.01 16.94 -9.18
CA VAL A 192 -7.03 16.38 -10.08
C VAL A 192 -7.75 15.47 -11.07
N VAL A 193 -7.76 15.91 -12.32
CA VAL A 193 -8.40 15.17 -13.39
C VAL A 193 -7.35 14.26 -14.02
N LEU A 194 -7.62 12.96 -13.99
CA LEU A 194 -6.63 12.01 -14.44
C LEU A 194 -6.40 12.09 -15.95
N LYS A 195 -5.16 11.84 -16.31
CA LYS A 195 -4.69 11.86 -17.69
C LYS A 195 -3.91 10.57 -17.94
N PRO A 196 -3.95 10.04 -19.17
CA PRO A 196 -3.10 8.90 -19.50
C PRO A 196 -1.64 9.20 -19.22
N GLY A 197 -0.96 8.22 -18.65
CA GLY A 197 0.47 8.31 -18.38
C GLY A 197 0.83 8.80 -17.00
N MET A 198 -0.16 9.21 -16.22
CA MET A 198 0.07 9.47 -14.81
C MET A 198 0.29 8.14 -14.09
N THR A 199 1.25 8.11 -13.18
CA THR A 199 1.51 6.93 -12.35
C THR A 199 1.46 7.32 -10.87
N PHE A 200 0.69 6.55 -10.12
CA PHE A 200 0.49 6.84 -8.71
C PHE A 200 0.06 5.58 -7.99
N THR A 201 0.07 5.67 -6.66
CA THR A 201 -0.40 4.59 -5.80
C THR A 201 -1.76 4.92 -5.20
N ILE A 202 -2.45 3.85 -4.85
CA ILE A 202 -3.66 3.92 -4.02
C ILE A 202 -3.36 2.95 -2.86
N GLU A 203 -3.57 3.42 -1.63
CA GLU A 203 -3.08 2.66 -0.46
CA GLU A 203 -3.05 2.70 -0.45
C GLU A 203 -3.82 3.03 0.83
N PRO A 204 -5.14 2.79 0.85
CA PRO A 204 -5.94 3.18 2.01
C PRO A 204 -5.48 2.45 3.28
N MET A 205 -5.41 3.22 4.38
CA MET A 205 -5.23 2.70 5.72
C MET A 205 -6.57 2.82 6.44
N VAL A 206 -7.05 1.67 6.91
CA VAL A 206 -8.40 1.54 7.43
C VAL A 206 -8.33 0.99 8.85
N ASN A 207 -8.95 1.70 9.78
CA ASN A 207 -9.00 1.27 11.18
C ASN A 207 -10.35 0.63 11.49
N ALA A 208 -10.33 -0.40 12.31
CA ALA A 208 -11.59 -1.01 12.75
C ALA A 208 -12.35 -0.08 13.69
N GLY A 209 -11.61 0.70 14.47
CA GLY A 209 -12.17 1.67 15.40
C GLY A 209 -12.15 3.06 14.80
N LYS A 210 -11.76 4.02 15.63
CA LYS A 210 -11.78 5.42 15.24
C LYS A 210 -10.56 5.77 14.38
N LYS A 211 -10.69 6.88 13.66
CA LYS A 211 -9.70 7.27 12.65
C LYS A 211 -8.39 7.79 13.25
N GLU A 212 -8.41 8.25 14.50
CA GLU A 212 -7.26 8.94 15.04
C GLU A 212 -6.08 7.99 15.25
N ILE A 213 -4.89 8.53 15.06
CA ILE A 213 -3.65 7.78 15.17
C ILE A 213 -2.68 8.50 16.11
N ARG A 214 -1.61 7.79 16.44
CA ARG A 214 -0.57 8.30 17.31
CA ARG A 214 -0.57 8.30 17.32
C ARG A 214 0.79 7.79 16.84
N THR A 215 1.80 8.65 16.82
CA THR A 215 3.16 8.20 16.51
C THR A 215 3.89 7.91 17.81
N MET A 216 4.59 6.79 17.83
CA MET A 216 5.32 6.36 19.00
C MET A 216 6.58 7.19 19.20
N LYS A 217 7.20 7.01 20.37
CA LYS A 217 8.38 7.80 20.69
CA LYS A 217 8.38 7.79 20.72
CA LYS A 217 8.40 7.75 20.76
C LYS A 217 9.60 7.46 19.86
N ASP A 218 9.57 6.33 19.15
CA ASP A 218 10.64 5.99 18.22
C ASP A 218 10.66 6.90 16.99
N GLY A 219 9.61 7.70 16.84
CA GLY A 219 9.49 8.65 15.75
C GLY A 219 9.17 8.01 14.41
N TRP A 220 8.85 6.72 14.41
CA TRP A 220 8.49 6.01 13.19
C TRP A 220 7.12 5.32 13.29
N THR A 221 6.94 4.52 14.33
CA THR A 221 5.83 3.59 14.41
C THR A 221 4.52 4.35 14.66
N VAL A 222 3.51 4.11 13.83
CA VAL A 222 2.22 4.77 13.99
C VAL A 222 1.20 3.74 14.44
N LYS A 223 0.41 4.05 15.48
CA LYS A 223 -0.62 3.14 15.98
C LYS A 223 -1.97 3.83 16.00
N THR A 224 -3.03 3.04 16.04
CA THR A 224 -4.35 3.60 16.26
C THR A 224 -4.41 4.17 17.69
N LYS A 225 -5.04 5.34 17.84
CA LYS A 225 -5.15 5.94 19.16
CA LYS A 225 -5.18 5.96 19.15
C LYS A 225 -5.94 5.05 20.11
N ASP A 226 -6.96 4.37 19.58
CA ASP A 226 -7.80 3.49 20.38
C ASP A 226 -7.34 2.03 20.46
N ARG A 227 -6.19 1.73 19.84
CA ARG A 227 -5.62 0.38 19.81
CA ARG A 227 -5.62 0.39 19.82
C ARG A 227 -6.50 -0.63 19.09
N SER A 228 -7.41 -0.14 18.25
CA SER A 228 -8.12 -1.01 17.32
C SER A 228 -7.18 -1.50 16.22
N LEU A 229 -7.57 -2.58 15.54
CA LEU A 229 -6.78 -3.07 14.40
C LEU A 229 -6.80 -2.06 13.26
N SER A 230 -5.75 -2.10 12.45
CA SER A 230 -5.65 -1.26 11.25
C SER A 230 -5.04 -2.09 10.12
N ALA A 231 -5.55 -1.91 8.90
CA ALA A 231 -5.07 -2.65 7.74
C ALA A 231 -4.87 -1.72 6.56
N GLN A 232 -4.02 -2.17 5.62
CA GLN A 232 -3.67 -1.41 4.44
C GLN A 232 -3.35 -2.39 3.31
N TYR A 233 -3.75 -2.02 2.09
CA TYR A 233 -3.24 -2.64 0.86
C TYR A 233 -2.87 -1.51 -0.09
N GLU A 234 -1.89 -1.77 -0.96
CA GLU A 234 -1.38 -0.75 -1.89
CA GLU A 234 -1.35 -0.75 -1.87
C GLU A 234 -1.03 -1.38 -3.23
N HIS A 235 -1.39 -0.66 -4.30
CA HIS A 235 -0.89 -0.96 -5.64
C HIS A 235 -0.39 0.32 -6.29
N THR A 236 0.59 0.16 -7.19
CA THR A 236 1.02 1.21 -8.12
C THR A 236 0.34 0.97 -9.46
N ILE A 237 -0.16 2.06 -10.06
CA ILE A 237 -0.87 1.98 -11.32
C ILE A 237 -0.37 3.03 -12.31
N VAL A 238 -0.69 2.79 -13.58
CA VAL A 238 -0.60 3.79 -14.63
C VAL A 238 -1.99 4.01 -15.22
N VAL A 239 -2.35 5.26 -15.43
CA VAL A 239 -3.58 5.59 -16.13
C VAL A 239 -3.36 5.32 -17.62
N THR A 240 -4.29 4.61 -18.24
CA THR A 240 -4.22 4.31 -19.67
C THR A 240 -5.30 5.09 -20.41
N ASP A 241 -5.36 4.95 -21.73
CA ASP A 241 -6.33 5.72 -22.48
C ASP A 241 -7.76 5.37 -22.13
N ASN A 242 -8.01 4.17 -21.63
CA ASN A 242 -9.40 3.83 -21.29
C ASN A 242 -9.58 3.18 -19.95
N GLY A 243 -8.62 3.37 -19.07
CA GLY A 243 -8.75 2.84 -17.73
C GLY A 243 -7.44 2.93 -17.00
N CYS A 244 -7.00 1.81 -16.47
CA CYS A 244 -5.69 1.76 -15.83
C CYS A 244 -5.08 0.39 -16.02
N GLU A 245 -3.79 0.35 -15.68
CA GLU A 245 -3.04 -0.88 -15.63
C GLU A 245 -2.36 -0.94 -14.27
N ILE A 246 -2.54 -2.06 -13.58
CA ILE A 246 -1.95 -2.26 -12.27
C ILE A 246 -0.55 -2.83 -12.52
N LEU A 247 0.45 -2.20 -11.92
CA LEU A 247 1.85 -2.54 -12.17
C LEU A 247 2.43 -3.50 -11.13
N THR A 248 1.71 -3.69 -10.02
CA THR A 248 2.17 -4.49 -8.89
C THR A 248 1.24 -5.66 -8.60
N LEU A 249 0.55 -6.16 -9.61
CA LEU A 249 -0.38 -7.26 -9.39
C LEU A 249 0.35 -8.56 -9.00
N ARG A 250 -0.23 -9.30 -8.07
CA ARG A 250 0.24 -10.63 -7.68
C ARG A 250 -0.72 -11.70 -8.18
N LYS A 251 -0.25 -12.94 -8.20
CA LYS A 251 -1.14 -14.04 -8.54
C LYS A 251 -2.35 -14.11 -7.61
N ASP A 252 -2.22 -13.72 -6.35
CA ASP A 252 -3.34 -13.80 -5.39
CA ASP A 252 -3.37 -13.84 -5.45
C ASP A 252 -4.31 -12.63 -5.50
N ASP A 253 -3.98 -11.60 -6.27
CA ASP A 253 -4.98 -10.55 -6.53
C ASP A 253 -6.11 -11.19 -7.35
N THR A 254 -7.30 -10.63 -7.20
CA THR A 254 -8.51 -11.13 -7.88
C THR A 254 -9.20 -10.05 -8.70
N ILE A 255 -8.43 -9.07 -9.13
CA ILE A 255 -8.83 -8.03 -10.08
C ILE A 255 -7.88 -8.14 -11.28
N PRO A 256 -8.38 -7.92 -12.51
CA PRO A 256 -7.46 -7.98 -13.65
C PRO A 256 -6.41 -6.87 -13.64
N ALA A 257 -5.24 -7.17 -14.21
CA ALA A 257 -4.18 -6.18 -14.33
C ALA A 257 -4.58 -4.99 -15.20
N ILE A 258 -5.25 -5.27 -16.30
CA ILE A 258 -5.65 -4.20 -17.21
C ILE A 258 -7.15 -4.03 -17.07
N ILE A 259 -7.56 -2.83 -16.71
CA ILE A 259 -8.97 -2.52 -16.58
C ILE A 259 -9.34 -1.52 -17.68
N SER A 260 -10.26 -1.93 -18.54
CA SER A 260 -10.70 -1.08 -19.66
C SER A 260 -12.16 -0.74 -19.48
N HIS A 261 -12.51 0.51 -19.75
CA HIS A 261 -13.90 0.93 -19.69
C HIS A 261 -14.54 1.17 -21.06
N ASP A 262 -13.88 0.69 -22.11
CA ASP A 262 -14.40 0.82 -23.45
C ASP A 262 -15.36 -0.32 -23.78
N GLU A 263 -16.23 -0.05 -24.76
CA GLU A 263 -17.08 -1.06 -25.36
C GLU A 263 -16.39 -1.89 -26.44
#